data_4C69
#
_entry.id   4C69
#
_cell.length_a   100.152
_cell.length_b   58.369
_cell.length_c   66.545
_cell.angle_alpha   90.00
_cell.angle_beta   99.25
_cell.angle_gamma   90.00
#
_symmetry.space_group_name_H-M   'C 1 2 1'
#
loop_
_entity.id
_entity.type
_entity.pdbx_description
1 polymer 'VOLTAGE-DEPENDENT ANION-SELECTIVE CHANNEL PROTEIN 1'
2 non-polymer 'LAURYL DIMETHYLAMINE-N-OXIDE'
3 non-polymer 1,2-DIMYRISTOYL-RAC-GLYCERO-3-PHOSPHOCHOLINE
4 non-polymer "ADENOSINE-5'-TRIPHOSPHATE"
5 water water
#
_entity_poly.entity_id   1
_entity_poly.type   'polypeptide(L)'
_entity_poly.pdbx_seq_one_letter_code
;MRGSHHHHHHGSMAVPPTYADLGKSARDVFTKGYGFGLIKLDLKTKSENGLEFTSSGSANTETTKVNGSLETKYRWTEYG
LTFTEKWNTDNTLGTEITVEDQLARGLKLTFDSSFSPNTGKKNAKIKTGYKREHINLGCDVDFDIAGPSIRGALVLGYEG
WLAGYQMNFETSKSRVTQSNFAVGYKTDEFQLHTNVNDGTEFGGSIYQKVNKKLETAVNLAWTAGNSNTRFGIAAKYQVD
PDACFSAKVNNSSLIGLGYTQTLKPGIKLTLSALLDGKNVNAGGHKLGLGLEFQA
;
_entity_poly.pdbx_strand_id   X
#
loop_
_chem_comp.id
_chem_comp.type
_chem_comp.name
_chem_comp.formula
ATP non-polymer ADENOSINE-5'-TRIPHOSPHATE 'C10 H16 N5 O13 P3'
LDA non-polymer 'LAURYL DIMETHYLAMINE-N-OXIDE' 'C14 H31 N O'
MC3 non-polymer 1,2-DIMYRISTOYL-RAC-GLYCERO-3-PHOSPHOCHOLINE 'C36 H72 N O8 P'
#
# COMPACT_ATOMS: atom_id res chain seq x y z
N MET A 13 -2.55 -9.63 -17.54
CA MET A 13 -1.26 -9.85 -18.18
C MET A 13 -0.91 -8.69 -19.11
N ALA A 14 -1.69 -8.50 -20.17
CA ALA A 14 -1.59 -7.33 -21.01
C ALA A 14 -2.33 -6.16 -20.33
N VAL A 15 -3.01 -6.50 -19.23
CA VAL A 15 -3.74 -5.52 -18.46
C VAL A 15 -2.81 -4.88 -17.45
N PRO A 16 -2.58 -3.57 -17.59
CA PRO A 16 -1.65 -2.82 -16.75
C PRO A 16 -2.23 -2.55 -15.37
N PRO A 17 -1.37 -2.28 -14.38
CA PRO A 17 -1.88 -1.98 -13.03
C PRO A 17 -2.46 -0.58 -13.00
N THR A 18 -3.17 -0.26 -11.92
CA THR A 18 -3.64 1.10 -11.68
C THR A 18 -2.44 2.01 -11.50
N TYR A 19 -2.64 3.33 -11.65
CA TYR A 19 -1.56 4.31 -11.42
C TYR A 19 -0.88 4.14 -10.04
N ALA A 20 -1.69 4.05 -8.99
CA ALA A 20 -1.17 3.90 -7.63
C ALA A 20 -0.31 2.64 -7.50
N ASP A 21 -0.64 1.60 -8.25
CA ASP A 21 0.17 0.37 -8.14
C ASP A 21 1.49 0.39 -8.93
N LEU A 22 1.73 1.44 -9.70
CA LEU A 22 3.03 1.55 -10.38
C LEU A 22 4.14 1.66 -9.32
N GLY A 23 5.13 0.77 -9.39
CA GLY A 23 6.21 0.72 -8.41
C GLY A 23 5.90 -0.05 -7.11
N LYS A 24 4.82 -0.84 -7.11
CA LYS A 24 4.37 -1.52 -5.89
C LYS A 24 5.36 -2.56 -5.33
N SER A 25 5.84 -3.44 -6.19
CA SER A 25 6.72 -4.51 -5.80
C SER A 25 7.98 -3.97 -5.13
N ALA A 26 8.46 -2.84 -5.62
CA ALA A 26 9.66 -2.21 -5.07
C ALA A 26 9.35 -1.64 -3.69
N ARG A 27 8.23 -0.94 -3.59
CA ARG A 27 7.78 -0.36 -2.34
C ARG A 27 7.63 -1.48 -1.31
N ASP A 28 7.04 -2.58 -1.75
CA ASP A 28 6.82 -3.74 -0.88
C ASP A 28 8.11 -4.32 -0.31
N VAL A 29 9.21 -4.25 -1.06
CA VAL A 29 10.46 -4.78 -0.53
C VAL A 29 10.93 -3.93 0.65
N PHE A 30 10.67 -2.63 0.58
CA PHE A 30 11.03 -1.70 1.64
C PHE A 30 10.08 -1.68 2.86
N THR A 31 8.81 -2.05 2.67
CA THR A 31 7.80 -1.81 3.69
C THR A 31 7.40 -3.07 4.47
N LYS A 32 7.18 -4.16 3.74
CA LYS A 32 6.74 -5.41 4.35
C LYS A 32 7.81 -6.05 5.20
N GLY A 33 7.38 -6.80 6.21
CA GLY A 33 8.33 -7.45 7.09
C GLY A 33 8.97 -6.51 8.07
N TYR A 34 8.49 -5.27 8.11
CA TYR A 34 9.00 -4.30 9.08
C TYR A 34 7.83 -3.63 9.83
N GLY A 35 7.94 -3.58 11.16
CA GLY A 35 6.96 -2.87 11.99
C GLY A 35 7.59 -2.13 13.16
N PHE A 36 8.48 -1.18 12.86
CA PHE A 36 9.28 -0.46 13.85
C PHE A 36 8.46 0.31 14.90
N GLY A 37 8.83 0.14 16.17
CA GLY A 37 8.20 0.90 17.24
C GLY A 37 6.76 0.53 17.45
N LEU A 38 6.39 -0.69 17.02
CA LEU A 38 5.03 -1.14 17.26
C LEU A 38 5.00 -2.56 17.77
N ILE A 39 4.01 -2.84 18.60
CA ILE A 39 3.59 -4.21 18.85
C ILE A 39 2.30 -4.39 18.08
N LYS A 40 2.33 -5.27 17.08
CA LYS A 40 1.21 -5.45 16.18
C LYS A 40 0.57 -6.83 16.33
N LEU A 41 -0.74 -6.88 16.20
CA LEU A 41 -1.47 -8.09 16.46
C LEU A 41 -2.58 -8.24 15.43
N ASP A 42 -2.46 -9.23 14.54
CA ASP A 42 -3.43 -9.35 13.46
C ASP A 42 -4.13 -10.70 13.38
N LEU A 43 -5.46 -10.65 13.45
CA LEU A 43 -6.29 -11.84 13.25
C LEU A 43 -7.03 -11.72 11.92
N LYS A 44 -6.78 -12.68 11.04
CA LYS A 44 -7.36 -12.68 9.69
C LYS A 44 -8.06 -14.01 9.42
N THR A 45 -9.21 -13.96 8.76
CA THR A 45 -9.79 -15.20 8.23
C THR A 45 -9.87 -15.14 6.72
N LYS A 46 -10.13 -16.29 6.12
CA LYS A 46 -10.16 -16.43 4.68
C LYS A 46 -11.37 -17.23 4.25
N SER A 47 -12.02 -16.76 3.20
CA SER A 47 -13.01 -17.54 2.48
C SER A 47 -13.06 -16.99 1.07
N GLU A 48 -13.21 -17.86 0.08
CA GLU A 48 -13.37 -17.41 -1.28
C GLU A 48 -14.73 -16.75 -1.41
N ASN A 49 -15.68 -17.21 -0.60
CA ASN A 49 -17.04 -16.70 -0.64
C ASN A 49 -17.57 -16.35 0.74
N GLY A 50 -18.49 -15.39 0.78
CA GLY A 50 -19.15 -15.01 2.03
C GLY A 50 -18.31 -14.24 3.02
N LEU A 51 -18.44 -14.60 4.29
CA LEU A 51 -17.86 -13.82 5.38
C LEU A 51 -16.37 -14.03 5.57
N GLU A 52 -15.66 -12.93 5.82
CA GLU A 52 -14.31 -12.99 6.36
C GLU A 52 -14.09 -11.77 7.23
N PHE A 53 -13.14 -11.84 8.15
CA PHE A 53 -12.85 -10.68 8.96
C PHE A 53 -11.36 -10.46 9.16
N THR A 54 -11.00 -9.21 9.42
CA THR A 54 -9.64 -8.85 9.75
C THR A 54 -9.67 -8.01 11.00
N SER A 55 -9.03 -8.51 12.06
CA SER A 55 -9.00 -7.79 13.32
C SER A 55 -7.57 -7.40 13.64
N SER A 56 -7.38 -6.16 14.06
CA SER A 56 -6.02 -5.65 14.22
C SER A 56 -5.82 -4.87 15.51
N GLY A 57 -4.75 -5.19 16.23
CA GLY A 57 -4.36 -4.41 17.39
C GLY A 57 -2.96 -3.82 17.19
N SER A 58 -2.78 -2.58 17.63
CA SER A 58 -1.49 -1.93 17.51
C SER A 58 -1.16 -1.07 18.72
N ALA A 59 -0.07 -1.40 19.41
CA ALA A 59 0.46 -0.51 20.44
C ALA A 59 1.71 0.19 19.95
N ASN A 60 1.74 1.49 20.15
CA ASN A 60 2.88 2.31 19.79
C ASN A 60 3.77 2.36 21.03
N THR A 61 5.00 1.87 20.92
CA THR A 61 5.87 1.73 22.09
C THR A 61 6.47 3.05 22.57
N GLU A 62 6.26 4.11 21.80
CA GLU A 62 6.72 5.44 22.18
C GLU A 62 5.64 6.20 22.93
N THR A 63 4.44 6.22 22.35
CA THR A 63 3.34 7.03 22.85
C THR A 63 2.44 6.25 23.80
N THR A 64 2.68 4.94 23.91
CA THR A 64 1.91 4.07 24.80
C THR A 64 0.43 3.90 24.37
N LYS A 65 0.07 4.56 23.26
CA LYS A 65 -1.29 4.47 22.72
C LYS A 65 -1.57 3.10 22.12
N VAL A 66 -2.81 2.68 22.21
CA VAL A 66 -3.20 1.37 21.69
C VAL A 66 -4.37 1.57 20.73
N ASN A 67 -4.18 1.14 19.48
CA ASN A 67 -5.21 1.27 18.47
C ASN A 67 -5.78 -0.09 18.05
N GLY A 68 -7.05 -0.11 17.70
CA GLY A 68 -7.70 -1.33 17.27
C GLY A 68 -8.53 -1.11 16.02
N SER A 69 -8.73 -2.17 15.24
CA SER A 69 -9.59 -2.05 14.07
C SER A 69 -10.20 -3.39 13.71
N LEU A 70 -11.47 -3.35 13.34
CA LEU A 70 -12.17 -4.52 12.82
C LEU A 70 -12.67 -4.22 11.41
N GLU A 71 -12.59 -5.22 10.54
CA GLU A 71 -13.16 -5.10 9.21
C GLU A 71 -13.89 -6.39 8.88
N THR A 72 -15.19 -6.31 8.66
CA THR A 72 -15.92 -7.47 8.19
C THR A 72 -16.20 -7.32 6.70
N LYS A 73 -16.26 -8.44 6.00
CA LYS A 73 -16.37 -8.38 4.56
C LYS A 73 -17.19 -9.56 4.05
N TYR A 74 -18.23 -9.26 3.28
CA TYR A 74 -19.04 -10.31 2.67
C TYR A 74 -18.94 -10.24 1.15
N ARG A 75 -18.53 -11.35 0.53
CA ARG A 75 -18.44 -11.41 -0.93
C ARG A 75 -19.59 -12.21 -1.51
N TRP A 76 -20.34 -11.58 -2.40
CA TRP A 76 -21.36 -12.27 -3.17
C TRP A 76 -20.80 -12.54 -4.55
N THR A 77 -19.78 -13.40 -4.68
CA THR A 77 -19.11 -13.58 -5.97
C THR A 77 -20.01 -14.08 -7.09
N GLU A 78 -21.21 -14.51 -6.75
CA GLU A 78 -22.25 -14.78 -7.73
C GLU A 78 -22.43 -13.55 -8.61
N TYR A 79 -22.42 -12.37 -7.99
CA TYR A 79 -22.70 -11.14 -8.71
C TYR A 79 -21.61 -10.05 -8.59
N GLY A 80 -20.37 -10.48 -8.33
CA GLY A 80 -19.25 -9.54 -8.29
C GLY A 80 -19.43 -8.43 -7.29
N LEU A 81 -20.09 -8.77 -6.18
CA LEU A 81 -20.50 -7.79 -5.20
C LEU A 81 -19.72 -8.03 -3.92
N THR A 82 -19.22 -6.98 -3.29
CA THR A 82 -18.53 -7.15 -2.01
C THR A 82 -19.00 -6.09 -1.02
N PHE A 83 -19.32 -6.52 0.21
CA PHE A 83 -19.77 -5.59 1.25
C PHE A 83 -18.79 -5.60 2.42
N THR A 84 -18.31 -4.42 2.76
CA THR A 84 -17.25 -4.28 3.74
C THR A 84 -17.67 -3.26 4.78
N GLU A 85 -17.46 -3.60 6.04
CA GLU A 85 -17.75 -2.68 7.15
C GLU A 85 -16.47 -2.47 7.95
N LYS A 86 -16.17 -1.21 8.25
CA LYS A 86 -14.99 -0.91 9.05
C LYS A 86 -15.36 -0.27 10.39
N TRP A 87 -14.56 -0.56 11.40
N TRP A 87 -14.54 -0.56 11.39
CA TRP A 87 -14.73 0.07 12.70
CA TRP A 87 -14.70 -0.02 12.73
C TRP A 87 -13.35 0.28 13.30
C TRP A 87 -13.31 0.27 13.31
N ASN A 88 -13.09 1.49 13.79
CA ASN A 88 -11.84 1.81 14.47
C ASN A 88 -12.07 2.07 15.95
N THR A 89 -10.99 2.25 16.71
CA THR A 89 -11.09 2.54 18.13
C THR A 89 -11.62 3.94 18.41
N ASP A 90 -11.18 4.91 17.60
CA ASP A 90 -11.69 6.27 17.69
C ASP A 90 -13.10 6.37 17.10
N ASN A 91 -13.85 5.28 17.20
CA ASN A 91 -15.25 5.18 16.76
C ASN A 91 -15.55 5.49 15.29
N THR A 92 -14.52 5.57 14.47
CA THR A 92 -14.73 5.78 13.04
C THR A 92 -15.42 4.54 12.42
N LEU A 93 -16.47 4.77 11.67
CA LEU A 93 -17.29 3.70 11.14
C LEU A 93 -17.33 3.83 9.62
N GLY A 94 -17.17 2.72 8.90
CA GLY A 94 -17.11 2.79 7.45
C GLY A 94 -17.90 1.69 6.77
N THR A 95 -18.54 2.05 5.66
CA THR A 95 -19.27 1.10 4.82
C THR A 95 -18.78 1.22 3.38
N GLU A 96 -18.57 0.07 2.74
CA GLU A 96 -18.04 0.05 1.38
C GLU A 96 -18.75 -1.03 0.58
N ILE A 97 -19.36 -0.66 -0.53
CA ILE A 97 -20.00 -1.63 -1.40
C ILE A 97 -19.34 -1.57 -2.77
N THR A 98 -18.87 -2.71 -3.28
CA THR A 98 -18.21 -2.67 -4.60
C THR A 98 -18.85 -3.66 -5.56
N VAL A 99 -18.92 -3.26 -6.82
CA VAL A 99 -19.43 -4.14 -7.87
C VAL A 99 -18.34 -4.28 -8.92
N GLU A 100 -17.94 -5.51 -9.23
CA GLU A 100 -16.86 -5.71 -10.20
C GLU A 100 -17.28 -6.68 -11.32
N ASP A 101 -17.02 -6.27 -12.56
CA ASP A 101 -17.30 -7.08 -13.75
C ASP A 101 -18.78 -7.33 -14.02
N GLN A 102 -19.66 -6.48 -13.48
CA GLN A 102 -21.10 -6.72 -13.67
C GLN A 102 -21.68 -6.17 -14.98
N LEU A 103 -21.57 -4.86 -15.19
CA LEU A 103 -22.06 -4.32 -16.45
C LEU A 103 -21.12 -4.69 -17.60
N ALA A 104 -19.83 -4.56 -17.35
CA ALA A 104 -18.81 -4.91 -18.32
C ALA A 104 -17.62 -5.54 -17.59
N ARG A 105 -16.99 -6.52 -18.23
CA ARG A 105 -15.76 -7.12 -17.68
C ARG A 105 -14.69 -6.04 -17.54
N GLY A 106 -14.06 -5.95 -16.36
CA GLY A 106 -13.05 -4.94 -16.11
C GLY A 106 -13.63 -3.62 -15.62
N LEU A 107 -14.94 -3.54 -15.47
CA LEU A 107 -15.58 -2.36 -14.90
C LEU A 107 -15.71 -2.60 -13.40
N LYS A 108 -15.43 -1.58 -12.61
CA LYS A 108 -15.51 -1.68 -11.15
C LYS A 108 -16.08 -0.38 -10.60
N LEU A 109 -17.15 -0.49 -9.81
CA LEU A 109 -17.81 0.67 -9.20
C LEU A 109 -17.86 0.47 -7.68
N THR A 110 -17.51 1.52 -6.93
CA THR A 110 -17.42 1.39 -5.48
C THR A 110 -18.14 2.55 -4.82
N PHE A 111 -19.10 2.26 -3.95
CA PHE A 111 -19.65 3.31 -3.11
C PHE A 111 -19.13 3.16 -1.68
N ASP A 112 -18.66 4.27 -1.13
CA ASP A 112 -18.05 4.27 0.17
C ASP A 112 -18.69 5.38 0.99
N SER A 113 -18.95 5.10 2.26
CA SER A 113 -19.56 6.08 3.17
C SER A 113 -18.85 5.96 4.50
N SER A 114 -18.56 7.10 5.14
CA SER A 114 -17.84 7.11 6.42
C SER A 114 -18.46 8.08 7.44
N PHE A 115 -18.30 7.78 8.74
CA PHE A 115 -18.86 8.63 9.80
C PHE A 115 -18.05 8.61 11.09
N SER A 116 -17.90 9.78 11.70
CA SER A 116 -17.20 9.91 12.97
C SER A 116 -18.08 10.63 13.97
N PRO A 117 -18.61 9.90 14.97
CA PRO A 117 -19.44 10.50 16.01
C PRO A 117 -18.63 11.50 16.81
N ASN A 118 -17.35 11.20 16.98
CA ASN A 118 -16.46 12.02 17.80
C ASN A 118 -16.15 13.39 17.20
N THR A 119 -16.29 13.52 15.89
CA THR A 119 -16.10 14.80 15.21
C THR A 119 -17.30 15.17 14.32
N GLY A 120 -18.34 14.35 14.35
CA GLY A 120 -19.55 14.62 13.58
C GLY A 120 -19.36 14.57 12.07
N LYS A 121 -18.12 14.48 11.61
CA LYS A 121 -17.81 14.47 10.18
C LYS A 121 -18.37 13.23 9.48
N LYS A 122 -19.02 13.44 8.34
CA LYS A 122 -19.41 12.32 7.49
C LYS A 122 -18.72 12.50 6.15
N ASN A 123 -18.30 11.40 5.55
CA ASN A 123 -17.66 11.45 4.25
C ASN A 123 -18.21 10.35 3.36
N ALA A 124 -18.34 10.65 2.07
CA ALA A 124 -18.77 9.66 1.10
C ALA A 124 -17.87 9.73 -0.13
N LYS A 125 -17.64 8.60 -0.77
CA LYS A 125 -16.76 8.54 -1.92
C LYS A 125 -17.37 7.64 -2.96
N ILE A 126 -17.13 7.98 -4.22
CA ILE A 126 -17.45 7.06 -5.29
C ILE A 126 -16.21 6.86 -6.15
N LYS A 127 -15.83 5.60 -6.35
CA LYS A 127 -14.66 5.24 -7.16
C LYS A 127 -15.10 4.40 -8.36
N THR A 128 -14.61 4.74 -9.54
CA THR A 128 -14.90 3.93 -10.74
C THR A 128 -13.62 3.57 -11.45
N GLY A 129 -13.48 2.30 -11.79
CA GLY A 129 -12.31 1.85 -12.53
C GLY A 129 -12.71 1.08 -13.75
N TYR A 130 -11.97 1.25 -14.84
CA TYR A 130 -12.17 0.42 -16.02
C TYR A 130 -10.84 -0.01 -16.62
N LYS A 131 -10.63 -1.31 -16.72
CA LYS A 131 -9.38 -1.85 -17.26
C LYS A 131 -9.65 -2.92 -18.31
N ARG A 132 -8.70 -3.06 -19.23
CA ARG A 132 -8.75 -4.04 -20.29
C ARG A 132 -7.33 -4.04 -20.83
N GLU A 133 -7.07 -4.77 -21.91
CA GLU A 133 -5.71 -4.85 -22.46
C GLU A 133 -5.13 -3.47 -22.74
N HIS A 134 -3.91 -3.25 -22.24
CA HIS A 134 -3.14 -2.01 -22.44
C HIS A 134 -3.66 -0.77 -21.71
N ILE A 135 -4.78 -0.91 -21.00
CA ILE A 135 -5.46 0.27 -20.43
C ILE A 135 -5.93 0.06 -19.00
N ASN A 136 -5.69 1.04 -18.12
CA ASN A 136 -6.23 0.99 -16.77
C ASN A 136 -6.63 2.41 -16.31
N LEU A 137 -7.94 2.61 -16.17
CA LEU A 137 -8.56 3.94 -16.00
C LEU A 137 -9.26 4.05 -14.66
N GLY A 138 -9.23 5.24 -14.07
CA GLY A 138 -9.80 5.45 -12.76
C GLY A 138 -10.28 6.87 -12.53
N CYS A 139 -11.39 6.97 -11.83
CA CYS A 139 -11.95 8.25 -11.50
C CYS A 139 -12.58 8.10 -10.12
N ASP A 140 -12.04 8.83 -9.14
CA ASP A 140 -12.54 8.75 -7.77
C ASP A 140 -13.13 10.09 -7.43
N VAL A 141 -14.34 10.09 -6.86
CA VAL A 141 -14.97 11.36 -6.51
C VAL A 141 -15.19 11.37 -5.00
N ASP A 142 -14.62 12.40 -4.37
CA ASP A 142 -14.75 12.54 -2.92
C ASP A 142 -15.73 13.66 -2.67
N PHE A 143 -16.80 13.35 -1.95
CA PHE A 143 -17.82 14.34 -1.68
C PHE A 143 -17.58 14.90 -0.29
N ASP A 144 -16.43 15.55 -0.11
CA ASP A 144 -16.13 16.18 1.17
C ASP A 144 -16.97 17.44 1.33
N ILE A 145 -17.28 17.80 2.57
CA ILE A 145 -18.14 18.96 2.84
C ILE A 145 -17.41 20.28 2.63
N ALA A 146 -16.08 20.24 2.62
CA ALA A 146 -15.30 21.38 2.16
C ALA A 146 -15.54 21.57 0.67
N GLY A 147 -15.92 20.47 0.01
CA GLY A 147 -16.18 20.51 -1.41
C GLY A 147 -15.71 19.26 -2.13
N PRO A 148 -16.43 18.87 -3.18
CA PRO A 148 -16.09 17.69 -3.98
C PRO A 148 -14.67 17.78 -4.54
N SER A 149 -13.96 16.65 -4.54
CA SER A 149 -12.69 16.60 -5.24
C SER A 149 -12.75 15.40 -6.16
N ILE A 150 -11.97 15.44 -7.22
CA ILE A 150 -12.05 14.39 -8.22
C ILE A 150 -10.63 14.02 -8.61
N ARG A 151 -10.32 12.72 -8.49
CA ARG A 151 -9.01 12.22 -8.84
C ARG A 151 -9.16 11.34 -10.08
N GLY A 152 -8.36 11.60 -11.10
CA GLY A 152 -8.41 10.79 -12.30
C GLY A 152 -7.05 10.21 -12.62
N ALA A 153 -7.00 8.98 -13.13
CA ALA A 153 -5.72 8.36 -13.44
C ALA A 153 -5.85 7.52 -14.68
N LEU A 154 -4.79 7.45 -15.46
CA LEU A 154 -4.78 6.63 -16.67
C LEU A 154 -3.40 5.98 -16.83
N VAL A 155 -3.40 4.67 -17.09
CA VAL A 155 -2.14 3.94 -17.33
C VAL A 155 -2.22 3.24 -18.67
N LEU A 156 -1.32 3.60 -19.58
CA LEU A 156 -1.22 2.94 -20.89
C LEU A 156 -0.09 1.94 -20.90
N GLY A 157 -0.34 0.76 -21.47
CA GLY A 157 0.67 -0.28 -21.55
C GLY A 157 1.03 -0.64 -23.00
N TYR A 158 2.34 -0.78 -23.26
CA TYR A 158 2.85 -1.17 -24.58
C TYR A 158 4.10 -2.02 -24.41
N GLU A 159 4.02 -3.27 -24.85
CA GLU A 159 5.11 -4.24 -24.81
C GLU A 159 5.95 -4.15 -23.53
N GLY A 160 5.33 -4.21 -22.38
CA GLY A 160 6.06 -4.15 -21.13
C GLY A 160 6.26 -2.72 -20.63
N TRP A 161 6.24 -1.75 -21.56
CA TRP A 161 6.33 -0.36 -21.14
C TRP A 161 5.02 0.11 -20.53
N LEU A 162 5.12 1.06 -19.60
CA LEU A 162 3.98 1.63 -18.94
C LEU A 162 4.14 3.14 -18.87
N ALA A 163 3.07 3.87 -19.16
CA ALA A 163 3.07 5.34 -19.00
C ALA A 163 1.81 5.72 -18.24
N GLY A 164 1.93 6.55 -17.21
CA GLY A 164 0.76 6.92 -16.44
C GLY A 164 0.62 8.41 -16.23
N TYR A 165 -0.63 8.87 -16.08
CA TYR A 165 -0.90 10.24 -15.66
C TYR A 165 -1.96 10.23 -14.56
N GLN A 166 -1.83 11.18 -13.63
N GLN A 166 -1.86 11.19 -13.65
CA GLN A 166 -2.74 11.20 -12.48
CA GLN A 166 -2.75 11.18 -12.50
C GLN A 166 -2.93 12.64 -12.04
C GLN A 166 -2.94 12.61 -11.98
N MET A 167 -4.19 13.01 -11.78
CA MET A 167 -4.47 14.37 -11.37
C MET A 167 -5.55 14.44 -10.30
N ASN A 168 -5.68 15.60 -9.66
CA ASN A 168 -6.72 15.78 -8.65
C ASN A 168 -7.23 17.20 -8.77
N PHE A 169 -8.55 17.31 -8.91
CA PHE A 169 -9.16 18.62 -9.03
C PHE A 169 -10.02 18.87 -7.79
N GLU A 170 -9.86 20.04 -7.18
CA GLU A 170 -10.64 20.43 -6.02
C GLU A 170 -11.56 21.57 -6.42
N THR A 171 -12.87 21.30 -6.37
CA THR A 171 -13.88 22.22 -6.86
C THR A 171 -14.05 23.50 -6.05
N SER A 172 -13.70 23.45 -4.76
CA SER A 172 -13.83 24.60 -3.87
C SER A 172 -12.87 25.71 -4.28
N LYS A 173 -11.68 25.32 -4.73
CA LYS A 173 -10.71 26.25 -5.27
C LYS A 173 -10.88 26.31 -6.78
N SER A 174 -11.62 25.33 -7.31
CA SER A 174 -11.73 25.13 -8.76
C SER A 174 -10.33 25.16 -9.37
N ARG A 175 -9.46 24.29 -8.87
CA ARG A 175 -8.07 24.24 -9.31
C ARG A 175 -7.49 22.84 -9.19
N VAL A 176 -6.62 22.49 -10.15
CA VAL A 176 -5.87 21.25 -10.06
C VAL A 176 -4.86 21.37 -8.92
N THR A 177 -4.90 20.46 -7.95
CA THR A 177 -3.96 20.51 -6.84
C THR A 177 -2.94 19.39 -6.93
N GLN A 178 -2.96 18.65 -8.03
CA GLN A 178 -2.05 17.53 -8.18
C GLN A 178 -1.97 17.08 -9.64
N SER A 179 -0.75 16.88 -10.12
CA SER A 179 -0.53 16.47 -11.49
C SER A 179 0.74 15.62 -11.54
N ASN A 180 0.57 14.30 -11.61
CA ASN A 180 1.67 13.35 -11.58
C ASN A 180 1.82 12.51 -12.87
N PHE A 181 3.07 12.32 -13.29
CA PHE A 181 3.39 11.47 -14.42
C PHE A 181 4.25 10.31 -13.93
N ALA A 182 4.05 9.13 -14.50
CA ALA A 182 4.92 8.00 -14.25
C ALA A 182 5.25 7.29 -15.56
N VAL A 183 6.48 6.84 -15.69
CA VAL A 183 6.85 5.95 -16.79
C VAL A 183 7.70 4.78 -16.28
N GLY A 184 7.38 3.58 -16.76
CA GLY A 184 8.04 2.41 -16.24
C GLY A 184 8.12 1.27 -17.22
N TYR A 185 8.72 0.18 -16.74
CA TYR A 185 8.84 -1.02 -17.54
C TYR A 185 8.73 -2.18 -16.57
N LYS A 186 7.93 -3.17 -16.96
CA LYS A 186 7.50 -4.21 -16.04
C LYS A 186 7.49 -5.61 -16.66
N THR A 187 8.38 -6.48 -16.17
CA THR A 187 8.23 -7.92 -16.37
C THR A 187 8.04 -8.56 -14.99
N ASP A 188 7.89 -9.88 -14.95
CA ASP A 188 7.68 -10.57 -13.66
C ASP A 188 8.99 -10.70 -12.86
N GLU A 189 10.13 -10.51 -13.54
CA GLU A 189 11.43 -10.66 -12.90
C GLU A 189 12.06 -9.31 -12.58
N PHE A 190 11.57 -8.27 -13.24
CA PHE A 190 12.23 -6.97 -13.20
C PHE A 190 11.21 -5.86 -13.38
N GLN A 191 11.34 -4.78 -12.60
CA GLN A 191 10.48 -3.62 -12.75
C GLN A 191 11.23 -2.30 -12.61
N LEU A 192 11.07 -1.45 -13.61
CA LEU A 192 11.59 -0.09 -13.56
C LEU A 192 10.40 0.83 -13.37
N HIS A 193 10.53 1.77 -12.44
CA HIS A 193 9.49 2.77 -12.21
C HIS A 193 10.13 4.14 -12.02
N THR A 194 9.59 5.14 -12.71
CA THR A 194 9.98 6.52 -12.48
C THR A 194 8.70 7.33 -12.37
N ASN A 195 8.76 8.42 -11.62
CA ASN A 195 7.63 9.33 -11.56
C ASN A 195 8.13 10.70 -11.21
N VAL A 196 7.35 11.70 -11.59
CA VAL A 196 7.61 13.05 -11.12
C VAL A 196 6.29 13.66 -10.64
N ASN A 197 6.29 14.11 -9.39
CA ASN A 197 5.06 14.67 -8.81
C ASN A 197 5.06 16.19 -8.80
N ASP A 198 4.02 16.76 -9.41
CA ASP A 198 3.84 18.21 -9.46
C ASP A 198 5.03 18.95 -10.10
N GLY A 199 5.71 18.27 -11.02
CA GLY A 199 6.92 18.79 -11.65
C GLY A 199 7.99 19.14 -10.62
N THR A 200 7.98 18.44 -9.47
CA THR A 200 8.74 18.86 -8.30
C THR A 200 9.46 17.74 -7.54
N GLU A 201 8.74 16.64 -7.32
CA GLU A 201 9.31 15.50 -6.63
C GLU A 201 9.58 14.40 -7.64
N PHE A 202 10.86 14.04 -7.77
CA PHE A 202 11.23 12.95 -8.66
C PHE A 202 11.49 11.66 -7.88
N GLY A 203 10.95 10.56 -8.39
CA GLY A 203 11.21 9.25 -7.83
C GLY A 203 11.61 8.23 -8.89
N GLY A 204 12.35 7.22 -8.48
CA GLY A 204 12.72 6.17 -9.40
C GLY A 204 13.03 4.93 -8.60
N SER A 205 12.63 3.78 -9.11
CA SER A 205 12.95 2.55 -8.43
C SER A 205 13.19 1.42 -9.42
N ILE A 206 14.04 0.50 -8.99
CA ILE A 206 14.26 -0.72 -9.71
C ILE A 206 13.94 -1.89 -8.80
N TYR A 207 13.13 -2.83 -9.30
CA TYR A 207 12.83 -4.05 -8.56
C TYR A 207 13.33 -5.27 -9.33
N GLN A 208 14.04 -6.16 -8.64
CA GLN A 208 14.52 -7.40 -9.25
C GLN A 208 14.17 -8.62 -8.43
N LYS A 209 13.49 -9.56 -9.06
CA LYS A 209 13.36 -10.88 -8.47
C LYS A 209 14.55 -11.68 -8.99
N VAL A 210 15.62 -11.69 -8.21
CA VAL A 210 16.90 -12.27 -8.63
C VAL A 210 16.81 -13.78 -8.80
N ASN A 211 16.17 -14.44 -7.84
CA ASN A 211 15.83 -15.85 -7.95
C ASN A 211 14.58 -16.13 -7.12
N LYS A 212 14.24 -17.40 -6.95
N LYS A 212 14.24 -17.40 -6.94
CA LYS A 212 13.02 -17.76 -6.24
CA LYS A 212 13.01 -17.76 -6.24
C LYS A 212 13.13 -17.54 -4.72
C LYS A 212 13.12 -17.53 -4.72
N LYS A 213 14.31 -17.15 -4.28
CA LYS A 213 14.55 -16.94 -2.85
C LYS A 213 14.92 -15.49 -2.54
N LEU A 214 15.17 -14.69 -3.56
CA LEU A 214 15.73 -13.35 -3.33
C LEU A 214 15.08 -12.27 -4.19
N GLU A 215 14.65 -11.19 -3.53
CA GLU A 215 14.17 -10.00 -4.20
C GLU A 215 14.97 -8.80 -3.71
N THR A 216 15.28 -7.88 -4.63
CA THR A 216 16.05 -6.68 -4.30
C THR A 216 15.37 -5.47 -4.88
N ALA A 217 15.63 -4.32 -4.29
CA ALA A 217 15.04 -3.07 -4.73
C ALA A 217 15.97 -1.91 -4.39
N VAL A 218 15.99 -0.94 -5.30
CA VAL A 218 16.72 0.30 -5.10
C VAL A 218 15.74 1.43 -5.35
N ASN A 219 15.81 2.46 -4.55
CA ASN A 219 14.87 3.57 -4.71
C ASN A 219 15.64 4.88 -4.68
N LEU A 220 15.21 5.84 -5.49
CA LEU A 220 15.87 7.14 -5.57
C LEU A 220 14.80 8.20 -5.51
N ALA A 221 15.12 9.32 -4.87
CA ALA A 221 14.19 10.42 -4.83
C ALA A 221 14.97 11.71 -4.71
N TRP A 222 14.45 12.77 -5.31
CA TRP A 222 15.06 14.07 -5.12
C TRP A 222 14.05 15.14 -5.45
N THR A 223 14.44 16.39 -5.25
CA THR A 223 13.48 17.47 -5.31
C THR A 223 14.06 18.59 -6.14
N ALA A 224 13.27 19.10 -7.07
CA ALA A 224 13.74 20.18 -7.93
C ALA A 224 14.04 21.40 -7.07
N GLY A 225 15.21 22.01 -7.28
CA GLY A 225 15.60 23.18 -6.53
C GLY A 225 16.53 22.86 -5.36
N ASN A 226 16.67 21.59 -5.06
CA ASN A 226 17.58 21.16 -4.02
C ASN A 226 18.54 20.14 -4.63
N SER A 227 19.84 20.28 -4.37
CA SER A 227 20.85 19.42 -4.99
C SER A 227 20.98 18.06 -4.29
N ASN A 228 20.29 17.88 -3.16
CA ASN A 228 20.36 16.61 -2.43
C ASN A 228 19.67 15.42 -3.11
N THR A 229 20.05 14.23 -2.67
CA THR A 229 19.46 13.04 -3.22
C THR A 229 19.26 12.03 -2.11
N ARG A 230 18.11 11.36 -2.11
CA ARG A 230 17.86 10.27 -1.18
C ARG A 230 17.88 8.97 -1.95
N PHE A 231 18.57 7.97 -1.41
CA PHE A 231 18.41 6.65 -1.95
C PHE A 231 18.32 5.59 -0.88
N GLY A 232 17.74 4.45 -1.27
CA GLY A 232 17.67 3.30 -0.40
C GLY A 232 17.91 2.02 -1.16
N ILE A 233 18.47 1.04 -0.46
CA ILE A 233 18.66 -0.29 -1.01
C ILE A 233 18.02 -1.26 -0.03
N ALA A 234 17.43 -2.33 -0.57
CA ALA A 234 16.68 -3.26 0.27
C ALA A 234 16.64 -4.66 -0.33
N ALA A 235 16.48 -5.66 0.53
CA ALA A 235 16.41 -7.02 0.04
C ALA A 235 15.44 -7.79 0.88
N LYS A 236 14.96 -8.89 0.31
CA LYS A 236 14.12 -9.81 1.06
C LYS A 236 14.52 -11.23 0.63
N TYR A 237 14.85 -12.05 1.62
CA TYR A 237 15.37 -13.38 1.35
C TYR A 237 14.55 -14.46 2.04
N GLN A 238 14.04 -15.39 1.24
CA GLN A 238 13.20 -16.49 1.71
C GLN A 238 14.09 -17.66 2.10
N VAL A 239 14.59 -17.65 3.34
CA VAL A 239 15.55 -18.65 3.81
C VAL A 239 15.03 -20.09 3.75
N ASP A 240 13.79 -20.29 4.17
CA ASP A 240 13.08 -21.55 3.94
C ASP A 240 11.60 -21.22 3.68
N PRO A 241 10.73 -22.23 3.49
CA PRO A 241 9.34 -21.80 3.26
C PRO A 241 8.64 -21.25 4.50
N ASP A 242 9.27 -21.31 5.67
CA ASP A 242 8.64 -20.81 6.90
C ASP A 242 9.43 -19.71 7.61
N ALA A 243 10.47 -19.21 6.95
CA ALA A 243 11.25 -18.08 7.44
C ALA A 243 11.65 -17.15 6.29
N CYS A 244 11.73 -15.86 6.61
CA CYS A 244 12.02 -14.86 5.62
C CYS A 244 12.82 -13.74 6.28
N PHE A 245 13.92 -13.33 5.66
CA PHE A 245 14.77 -12.26 6.21
C PHE A 245 14.72 -11.00 5.34
N SER A 246 14.52 -9.84 5.95
CA SER A 246 14.57 -8.55 5.25
C SER A 246 15.63 -7.60 5.81
N ALA A 247 16.34 -6.92 4.91
CA ALA A 247 17.34 -5.94 5.31
C ALA A 247 17.31 -4.73 4.36
N LYS A 248 17.48 -3.54 4.93
CA LYS A 248 17.49 -2.34 4.10
C LYS A 248 18.40 -1.25 4.68
N VAL A 249 18.95 -0.41 3.79
CA VAL A 249 19.73 0.76 4.20
C VAL A 249 19.29 1.96 3.38
N ASN A 250 19.48 3.16 3.95
CA ASN A 250 19.32 4.37 3.16
C ASN A 250 20.46 5.34 3.40
N ASN A 251 20.53 6.40 2.61
CA ASN A 251 21.71 7.25 2.69
C ASN A 251 21.58 8.31 3.76
N SER A 252 20.63 8.12 4.67
CA SER A 252 20.57 8.88 5.91
C SER A 252 21.17 8.05 7.06
N SER A 253 21.81 6.95 6.67
CA SER A 253 22.47 6.02 7.58
C SER A 253 21.51 5.18 8.43
N LEU A 254 20.30 4.95 7.93
CA LEU A 254 19.37 4.11 8.65
C LEU A 254 19.47 2.66 8.18
N ILE A 255 19.48 1.73 9.13
CA ILE A 255 19.53 0.31 8.81
C ILE A 255 18.29 -0.37 9.33
N GLY A 256 17.57 -1.06 8.45
CA GLY A 256 16.38 -1.78 8.86
C GLY A 256 16.60 -3.27 8.79
N LEU A 257 16.23 -3.99 9.84
CA LEU A 257 16.36 -5.43 9.89
C LEU A 257 15.02 -6.05 10.24
N GLY A 258 14.68 -7.15 9.58
CA GLY A 258 13.43 -7.82 9.88
C GLY A 258 13.52 -9.32 9.69
N TYR A 259 13.00 -10.07 10.65
CA TYR A 259 12.92 -11.52 10.51
C TYR A 259 11.48 -11.99 10.72
N THR A 260 11.01 -12.85 9.83
CA THR A 260 9.65 -13.36 9.95
C THR A 260 9.68 -14.88 9.99
N GLN A 261 9.12 -15.42 11.07
CA GLN A 261 9.14 -16.85 11.34
C GLN A 261 7.72 -17.38 11.52
N THR A 262 7.41 -18.43 10.79
CA THR A 262 6.22 -19.23 11.05
C THR A 262 6.49 -20.12 12.28
N LEU A 263 5.85 -19.81 13.40
CA LEU A 263 5.92 -20.64 14.61
C LEU A 263 5.12 -21.90 14.38
N LYS A 264 3.93 -21.72 13.83
N LYS A 264 3.91 -21.71 13.86
CA LYS A 264 3.05 -22.84 13.51
CA LYS A 264 2.96 -22.78 13.58
C LYS A 264 2.16 -22.42 12.37
C LYS A 264 2.17 -22.40 12.34
N PRO A 265 1.69 -23.40 11.57
CA PRO A 265 0.85 -23.12 10.39
C PRO A 265 -0.31 -22.18 10.73
N GLY A 266 -0.31 -21.01 10.09
CA GLY A 266 -1.31 -19.99 10.37
C GLY A 266 -0.80 -18.89 11.27
N ILE A 267 0.39 -19.09 11.85
CA ILE A 267 0.91 -18.15 12.83
C ILE A 267 2.31 -17.68 12.47
N LYS A 268 2.47 -16.38 12.30
CA LYS A 268 3.75 -15.81 11.93
C LYS A 268 4.14 -14.74 12.93
N LEU A 269 5.41 -14.78 13.32
CA LEU A 269 5.98 -13.85 14.26
C LEU A 269 7.00 -13.01 13.52
N THR A 270 6.87 -11.68 13.58
CA THR A 270 7.87 -10.80 12.99
C THR A 270 8.61 -9.99 14.05
N LEU A 271 9.93 -10.02 14.01
CA LEU A 271 10.73 -9.13 14.84
C LEU A 271 11.44 -8.14 13.93
N SER A 272 11.46 -6.86 14.31
CA SER A 272 12.12 -5.87 13.47
C SER A 272 12.88 -4.87 14.33
N ALA A 273 13.99 -4.38 13.79
CA ALA A 273 14.81 -3.40 14.47
C ALA A 273 15.26 -2.32 13.49
N LEU A 274 15.17 -1.06 13.91
CA LEU A 274 15.67 0.05 13.09
C LEU A 274 16.86 0.65 13.79
N LEU A 275 18.02 0.64 13.11
CA LEU A 275 19.24 1.12 13.72
C LEU A 275 19.68 2.41 13.06
N ASP A 276 20.17 3.36 13.86
CA ASP A 276 20.69 4.60 13.30
C ASP A 276 22.19 4.44 13.12
N GLY A 277 22.63 4.35 11.85
CA GLY A 277 24.00 4.03 11.54
C GLY A 277 25.00 5.01 12.11
N LYS A 278 24.56 6.24 12.35
CA LYS A 278 25.44 7.26 12.93
C LYS A 278 25.96 6.83 14.30
N ASN A 279 25.08 6.24 15.10
CA ASN A 279 25.45 5.73 16.40
C ASN A 279 24.82 4.36 16.71
N VAL A 280 25.29 3.33 16.03
CA VAL A 280 24.90 1.95 16.34
C VAL A 280 25.52 1.59 17.68
N ASN A 281 26.77 2.00 17.86
CA ASN A 281 27.46 1.90 19.15
C ASN A 281 26.67 2.60 20.26
N ALA A 282 25.61 1.92 20.74
CA ALA A 282 24.70 2.43 21.77
C ALA A 282 23.87 3.66 21.34
N GLY A 283 22.56 3.59 21.57
CA GLY A 283 21.66 4.66 21.21
C GLY A 283 20.21 4.20 21.21
N GLY A 284 19.31 5.09 20.80
CA GLY A 284 17.90 4.76 20.72
C GLY A 284 17.56 4.03 19.44
N HIS A 285 17.28 2.74 19.55
CA HIS A 285 16.95 1.94 18.37
C HIS A 285 15.54 1.34 18.45
N LYS A 286 14.70 1.70 17.48
CA LYS A 286 13.32 1.21 17.42
C LYS A 286 13.26 -0.29 17.20
N LEU A 287 12.53 -0.99 18.06
CA LEU A 287 12.25 -2.40 17.85
C LEU A 287 10.79 -2.55 17.45
N GLY A 288 10.47 -3.70 16.89
CA GLY A 288 9.10 -3.99 16.48
C GLY A 288 8.79 -5.46 16.66
N LEU A 289 7.51 -5.76 16.90
CA LEU A 289 7.04 -7.14 17.04
C LEU A 289 5.71 -7.29 16.34
N GLY A 290 5.60 -8.29 15.49
CA GLY A 290 4.36 -8.53 14.77
C GLY A 290 3.92 -9.96 14.93
N LEU A 291 2.64 -10.15 15.23
CA LEU A 291 2.08 -11.49 15.30
C LEU A 291 0.84 -11.55 14.43
N GLU A 292 0.91 -12.38 13.40
CA GLU A 292 -0.20 -12.53 12.47
C GLU A 292 -0.84 -13.90 12.67
N PHE A 293 -2.14 -13.89 12.85
CA PHE A 293 -2.87 -15.12 13.04
C PHE A 293 -3.82 -15.32 11.87
N GLN A 294 -3.65 -16.43 11.16
CA GLN A 294 -4.40 -16.67 9.92
C GLN A 294 -5.42 -17.79 10.09
N ALA A 295 -6.66 -17.51 9.70
CA ALA A 295 -7.79 -18.46 9.82
C ALA A 295 -7.99 -18.91 11.25
N1 LDA B . 9.80 2.13 -31.28
O1 LDA B . 9.84 0.89 -31.75
CM1 LDA B . 9.90 3.07 -32.37
CM2 LDA B . 10.96 2.33 -30.41
C1 LDA B . 8.53 2.30 -30.53
C2 LDA B . 7.43 3.24 -31.01
C3 LDA B . 6.01 2.94 -30.60
C4 LDA B . 5.26 3.95 -29.72
C5 LDA B . 4.38 3.40 -28.57
C6 LDA B . 4.09 4.37 -27.38
C7 LDA B . 3.28 3.84 -26.15
C8 LDA B . 3.28 4.67 -24.87
C1 MC3 C . 14.19 -3.26 -22.47
C2 MC3 C . 14.22 -1.89 -21.74
C3 MC3 C . 12.88 -1.65 -21.12
C4 MC3 C . 11.93 -5.47 -26.66
C5 MC3 C . 11.24 -6.82 -26.46
C6 MC3 C . 12.27 -7.98 -28.33
C7 MC3 C . 11.03 -9.17 -26.69
C8 MC3 C . 13.18 -8.28 -26.10
C31 MC3 C . 15.27 -0.79 -19.82
C32 MC3 C . 16.37 0.24 -19.80
C33 MC3 C . 16.75 0.84 -18.46
C34 MC3 C . 16.72 2.34 -18.31
C35 MC3 C . 17.60 2.97 -17.23
C36 MC3 C . 17.88 4.46 -17.37
C37 MC3 C . 18.90 5.09 -16.44
N MC3 C . 11.93 -8.06 -26.90
O2 MC3 C . 15.27 -1.81 -20.79
O31 MC3 C . 14.66 -0.97 -18.77
O1P MC3 C . 14.03 -5.52 -24.51
O2P MC3 C . 14.03 -3.13 -25.71
O3P MC3 C . 13.10 -3.51 -23.35
O4P MC3 C . 11.94 -4.56 -25.53
P MC3 C . 13.33 -4.20 -24.79
N1 LDA D . 15.46 -7.07 -18.86
O1 LDA D . 14.69 -6.31 -18.10
CM1 LDA D . 14.69 -7.51 -20.01
CM2 LDA D . 16.60 -6.27 -19.32
C1 LDA D . 15.93 -8.23 -18.08
C2 LDA D . 15.96 -8.13 -16.56
C3 LDA D . 17.30 -8.05 -15.88
C4 LDA D . 17.53 -6.97 -14.81
C5 LDA D . 18.07 -5.61 -15.26
C6 LDA D . 18.67 -4.65 -14.18
C7 LDA D . 19.06 -3.20 -14.64
C8 LDA D . 20.08 -2.42 -13.82
PG ATP E . -1.19 -6.09 -1.34
O1G ATP E . -0.77 -6.65 0.04
O2G ATP E . -0.10 -6.43 -2.37
O3G ATP E . -2.48 -6.74 -1.77
PB ATP E . -2.22 -3.93 -0.02
O1B ATP E . -2.87 -2.68 -0.43
O2B ATP E . -1.31 -3.67 1.11
O3B ATP E . -1.38 -4.52 -1.22
PA ATP E . -3.70 -5.21 2.02
O1A ATP E . -2.52 -5.80 2.79
O2A ATP E . -4.02 -3.85 2.58
O3A ATP E . -3.33 -5.04 0.44
O5' ATP E . -4.94 -6.13 2.19
C5' ATP E . -4.80 -7.52 2.18
C4' ATP E . -4.70 -8.19 0.94
O4' ATP E . -3.29 -8.27 0.53
C3' ATP E . -5.18 -9.58 1.08
O3' ATP E . -6.40 -9.73 0.47
C2' ATP E . -4.19 -10.42 0.39
O2' ATP E . -4.68 -10.80 -0.85
C1' ATP E . -2.96 -9.60 0.24
N9 ATP E . -1.82 -10.11 1.03
C8 ATP E . -1.29 -11.35 0.96
N7 ATP E . -0.27 -11.41 1.84
C5 ATP E . -0.15 -10.23 2.48
C6 ATP E . 0.70 -9.74 3.47
N6 ATP E . 1.71 -10.57 4.01
N1 ATP E . 0.56 -8.47 3.92
C2 ATP E . -0.40 -7.68 3.40
N3 ATP E . -1.23 -8.12 2.46
C4 ATP E . -1.15 -9.38 1.97
C1 MC3 F . 16.14 14.21 -14.28
C2 MC3 F . 15.55 12.92 -14.91
C3 MC3 F . 15.22 13.16 -16.36
C4 MC3 F . 15.55 19.15 -12.74
C5 MC3 F . 16.23 20.26 -13.56
C6 MC3 F . 16.99 21.60 -11.68
C7 MC3 F . 17.70 22.10 -13.92
C8 MC3 F . 18.55 20.16 -12.84
C31 MC3 F . 16.10 10.50 -14.96
C32 MC3 F . 16.26 9.43 -13.89
C33 MC3 F . 16.03 7.99 -14.29
C34 MC3 F . 15.32 7.11 -13.29
C35 MC3 F . 15.80 5.67 -13.05
C36 MC3 F . 16.05 5.32 -11.59
C37 MC3 F . 16.16 3.86 -11.17
N MC3 F . 17.35 21.03 -13.00
O2 MC3 F . 16.43 11.85 -14.69
O31 MC3 F . 15.98 10.13 -16.11
O1P MC3 F . 17.28 16.70 -13.28
O2P MC3 F . 15.24 16.10 -11.72
O3P MC3 F . 15.34 15.37 -14.16
O4P MC3 F . 15.13 17.96 -13.45
P MC3 F . 15.77 16.54 -13.13
N1 LDA G . 11.31 6.75 -23.60
O1 LDA G . 12.52 6.92 -23.11
CM1 LDA G . 10.86 5.41 -23.31
CM2 LDA G . 11.36 6.94 -25.06
C1 LDA G . 10.41 7.73 -22.99
C2 LDA G . 10.96 8.60 -21.86
C3 LDA G . 10.32 9.95 -21.64
C4 LDA G . 10.96 10.88 -20.60
C5 LDA G . 10.73 12.39 -20.77
N1 LDA H . 3.89 12.33 -27.73
O1 LDA H . 2.82 12.22 -28.49
CM1 LDA H . 4.79 11.26 -28.06
CM2 LDA H . 4.53 13.64 -27.98
C1 LDA H . 3.50 12.25 -26.30
C2 LDA H . 3.51 13.48 -25.39
C3 LDA H . 3.35 13.26 -23.92
C4 LDA H . 2.84 14.43 -23.05
C5 LDA H . 3.87 15.33 -22.34
C6 LDA H . 3.31 16.44 -21.38
C7 LDA H . 4.29 17.53 -20.86
C8 LDA H . 3.74 18.71 -20.07
N1 LDA I . 13.75 6.09 -19.13
O1 LDA I . 13.03 7.19 -18.92
CM1 LDA I . 12.98 4.94 -18.70
CM2 LDA I . 14.98 6.17 -18.33
C1 LDA I . 14.08 5.96 -20.57
C2 LDA I . 15.43 6.39 -21.10
C3 LDA I . 16.32 5.34 -21.72
C4 LDA I . 15.76 4.55 -22.92
C5 LDA I . 16.25 3.10 -23.12
N1 LDA J . 6.87 9.74 -25.21
O1 LDA J . 5.85 10.55 -24.99
CM1 LDA J . 6.48 8.71 -26.14
CM2 LDA J . 7.26 9.12 -23.94
C1 LDA J . 8.00 10.52 -25.75
C2 LDA J . 7.91 12.04 -25.72
C3 LDA J . 8.17 12.74 -24.42
C4 LDA J . 8.19 14.28 -24.40
C5 LDA J . 8.55 14.98 -23.07
C6 LDA J . 8.44 16.54 -23.02
C7 LDA J . 9.12 17.30 -21.86
C8 LDA J . 8.63 17.08 -20.43
#